data_1SMF
#
_entry.id   1SMF
#
_cell.length_a   63.230
_cell.length_b   63.620
_cell.length_c   69.540
_cell.angle_alpha   90.00
_cell.angle_beta   90.00
_cell.angle_gamma   90.00
#
_symmetry.space_group_name_H-M   'P 21 21 21'
#
loop_
_entity.id
_entity.type
_entity.pdbx_description
1 polymer TRYPSIN
2 polymer 'BOWMAN-BIRK TYPE TRYPSIN INHIBITOR'
3 non-polymer 'CALCIUM ION'
4 water water
#
loop_
_entity_poly.entity_id
_entity_poly.type
_entity_poly.pdbx_seq_one_letter_code
_entity_poly.pdbx_strand_id
1 'polypeptide(L)'
;IVGGYTCGANTVPYQVSLNSGYHFCGGSLINSQWVVSAAHCYKSGIQVRLGEDNINVVEGNEQFISASKSIVHPSYNSNT
LNNDIMLIKLKSAASLNSRVASISLPTSCASAGTQCLISGWGNTKSSGTSYPDVLKCLKAPILSDSSCKSAYPGQITSNM
FCAGYLEGGKDSCQGDSGGPVVCSGKLQGIVSWGSGCAQKNKPGVYTKVCNYVSWIKQTIASN
;
E
2 'polypeptide(L)' EPCCDSCRCTKSIPPECHCANI I
#
# COMPACT_ATOMS: atom_id res chain seq x y z
N ILE A 1 5.68 8.77 2.58
CA ILE A 1 4.65 9.37 3.48
C ILE A 1 5.05 10.84 3.78
N VAL A 2 4.36 11.87 3.31
CA VAL A 2 4.57 13.28 3.65
C VAL A 2 3.82 13.65 4.99
N GLY A 3 4.43 14.37 5.93
CA GLY A 3 3.81 14.78 7.19
C GLY A 3 3.54 13.65 8.18
N GLY A 4 4.28 12.55 8.12
CA GLY A 4 4.05 11.41 8.98
C GLY A 4 5.04 11.38 10.08
N TYR A 5 5.15 10.24 10.76
CA TYR A 5 6.05 10.12 11.88
C TYR A 5 6.81 8.80 11.74
N THR A 6 7.96 8.59 12.37
CA THR A 6 8.66 7.32 12.33
C THR A 6 7.84 6.32 13.09
N CYS A 7 7.43 5.28 12.42
CA CYS A 7 6.67 4.22 13.07
C CYS A 7 7.30 3.60 14.30
N GLY A 8 8.58 3.27 14.25
CA GLY A 8 9.18 2.44 15.29
C GLY A 8 9.38 1.04 14.75
N ALA A 9 10.53 0.40 14.99
CA ALA A 9 10.80 -0.91 14.44
C ALA A 9 9.81 -1.98 14.90
N ASN A 10 9.35 -2.85 14.00
CA ASN A 10 8.42 -3.97 14.30
C ASN A 10 7.03 -3.42 14.62
N THR A 11 6.70 -2.12 14.58
CA THR A 11 5.37 -1.68 15.00
C THR A 11 4.28 -1.93 13.94
N VAL A 12 4.66 -2.24 12.69
CA VAL A 12 3.73 -2.48 11.58
C VAL A 12 4.22 -3.78 10.97
N PRO A 13 4.04 -4.95 11.63
CA PRO A 13 4.69 -6.22 11.25
C PRO A 13 4.21 -6.86 9.94
N TYR A 14 3.15 -6.28 9.35
CA TYR A 14 2.58 -6.78 8.08
C TYR A 14 3.11 -6.00 6.88
N GLN A 15 3.78 -4.86 7.12
CA GLN A 15 4.35 -4.05 6.04
C GLN A 15 5.49 -4.80 5.31
N VAL A 16 5.43 -4.96 3.97
CA VAL A 16 6.60 -5.45 3.22
C VAL A 16 7.12 -4.38 2.27
N SER A 17 8.38 -4.55 1.91
CA SER A 17 9.06 -3.77 0.87
C SER A 17 9.27 -4.66 -0.36
N LEU A 18 8.91 -4.13 -1.53
CA LEU A 18 9.15 -4.85 -2.73
C LEU A 18 10.47 -4.24 -3.23
N ASN A 19 11.35 -5.18 -3.46
CA ASN A 19 12.71 -4.82 -3.87
C ASN A 19 13.20 -5.44 -5.20
N SER A 20 13.84 -4.64 -6.07
CA SER A 20 14.51 -5.13 -7.30
C SER A 20 15.92 -4.47 -7.38
N GLY A 21 16.74 -4.64 -6.34
CA GLY A 21 18.00 -3.94 -6.23
C GLY A 21 17.78 -2.55 -5.65
N TYR A 22 16.51 -2.21 -5.32
CA TYR A 22 16.07 -0.94 -4.69
C TYR A 22 14.59 -1.17 -4.31
N HIS A 23 14.16 -0.38 -3.33
CA HIS A 23 12.76 -0.34 -2.87
C HIS A 23 11.91 0.38 -3.93
N PHE A 24 10.84 -0.19 -4.48
CA PHE A 24 10.02 0.50 -5.46
C PHE A 24 8.51 0.49 -5.10
N CYS A 25 8.04 -0.40 -4.25
CA CYS A 25 6.65 -0.45 -3.83
C CYS A 25 6.60 -1.12 -2.49
N GLY A 26 5.57 -0.88 -1.72
CA GLY A 26 5.32 -1.64 -0.51
C GLY A 26 4.30 -2.74 -0.79
N GLY A 27 3.84 -3.39 0.26
CA GLY A 27 2.79 -4.37 0.19
C GLY A 27 2.40 -4.80 1.60
N SER A 28 1.49 -5.76 1.72
CA SER A 28 0.99 -6.25 2.99
C SER A 28 0.99 -7.75 3.07
N LEU A 29 1.48 -8.32 4.15
CA LEU A 29 1.48 -9.77 4.26
C LEU A 29 0.10 -10.14 4.83
N ILE A 30 -0.68 -10.92 4.06
CA ILE A 30 -2.01 -11.30 4.51
C ILE A 30 -1.97 -12.72 4.99
N ASN A 31 -0.96 -13.54 4.69
CA ASN A 31 -0.82 -14.84 5.35
C ASN A 31 0.60 -15.26 5.16
N SER A 32 1.08 -16.42 5.58
CA SER A 32 2.54 -16.68 5.54
C SER A 32 3.16 -16.81 4.15
N GLN A 33 2.35 -16.96 3.14
CA GLN A 33 2.85 -17.13 1.82
C GLN A 33 2.30 -16.10 0.85
N TRP A 34 1.46 -15.14 1.27
CA TRP A 34 0.91 -14.26 0.25
C TRP A 34 0.95 -12.83 0.72
N VAL A 35 1.28 -11.99 -0.25
CA VAL A 35 1.34 -10.55 -0.10
C VAL A 35 0.31 -9.82 -1.05
N VAL A 36 -0.30 -8.72 -0.61
CA VAL A 36 -1.20 -7.92 -1.44
C VAL A 36 -0.47 -6.60 -1.71
N SER A 37 -0.44 -6.23 -2.99
CA SER A 37 0.17 -4.98 -3.42
C SER A 37 -0.67 -4.41 -4.55
N ALA A 38 -0.17 -3.33 -5.17
CA ALA A 38 -0.87 -2.68 -6.27
C ALA A 38 -0.46 -3.31 -7.59
N ALA A 39 -1.41 -3.55 -8.52
CA ALA A 39 -1.13 -4.02 -9.87
C ALA A 39 -0.13 -3.10 -10.57
N HIS A 40 -0.11 -1.78 -10.39
CA HIS A 40 0.89 -1.01 -11.17
C HIS A 40 2.32 -1.23 -10.64
N CYS A 41 2.53 -1.98 -9.56
CA CYS A 41 3.86 -2.28 -9.00
C CYS A 41 4.42 -3.52 -9.67
N TYR A 42 3.65 -4.24 -10.48
CA TYR A 42 4.10 -5.46 -11.13
C TYR A 42 5.39 -5.29 -11.92
N LYS A 43 6.29 -6.26 -11.76
CA LYS A 43 7.50 -6.33 -12.57
C LYS A 43 8.11 -7.68 -12.30
N SER A 44 8.99 -8.05 -13.19
CA SER A 44 9.65 -9.32 -13.07
C SER A 44 10.78 -9.10 -12.07
N GLY A 45 11.09 -10.20 -11.39
CA GLY A 45 12.24 -10.22 -10.52
C GLY A 45 12.04 -9.48 -9.22
N ILE A 46 10.91 -9.72 -8.55
CA ILE A 46 10.64 -9.09 -7.26
C ILE A 46 11.13 -9.92 -6.06
N GLN A 47 11.82 -9.25 -5.18
CA GLN A 47 12.17 -9.88 -3.90
C GLN A 47 11.35 -9.15 -2.84
N VAL A 48 10.70 -9.95 -2.03
CA VAL A 48 9.84 -9.43 -0.98
C VAL A 48 10.69 -9.37 0.29
N ARG A 49 10.78 -8.20 0.87
CA ARG A 49 11.51 -8.06 2.12
C ARG A 49 10.58 -7.71 3.30
N LEU A 50 10.51 -8.70 4.18
CA LEU A 50 9.69 -8.78 5.39
C LEU A 50 10.53 -8.39 6.63
N GLY A 51 9.84 -7.95 7.65
CA GLY A 51 10.50 -7.56 8.91
C GLY A 51 11.46 -6.38 8.86
N GLU A 52 11.35 -5.53 7.85
CA GLU A 52 12.21 -4.36 7.65
C GLU A 52 11.92 -3.12 8.50
N ASP A 53 12.87 -2.29 8.90
CA ASP A 53 12.60 -0.96 9.42
C ASP A 53 13.53 -0.04 8.64
N ASN A 54 14.83 -0.13 8.81
CA ASN A 54 15.82 0.61 8.02
C ASN A 54 16.05 -0.24 6.76
N ILE A 55 15.57 0.21 5.59
CA ILE A 55 15.70 -0.64 4.41
C ILE A 55 17.13 -0.69 3.83
N ASN A 56 18.02 0.16 4.37
CA ASN A 56 19.40 0.21 3.86
C ASN A 56 20.36 -0.52 4.78
N VAL A 57 19.96 -1.02 5.94
CA VAL A 57 20.89 -1.66 6.84
C VAL A 57 20.32 -2.98 7.21
N VAL A 58 21.05 -4.08 7.31
CA VAL A 58 20.56 -5.36 7.85
C VAL A 58 20.71 -5.15 9.37
N GLU A 59 19.61 -5.15 10.08
CA GLU A 59 19.58 -4.85 11.50
C GLU A 59 19.23 -6.07 12.32
N GLY A 60 18.65 -7.07 11.69
CA GLY A 60 18.27 -8.22 12.48
C GLY A 60 16.99 -8.90 12.11
N ASN A 61 15.84 -8.27 11.97
CA ASN A 61 14.67 -9.15 11.81
C ASN A 61 14.14 -9.44 10.41
N GLU A 62 14.99 -9.21 9.42
CA GLU A 62 14.63 -9.34 8.03
C GLU A 62 14.41 -10.75 7.51
N GLN A 63 13.60 -10.88 6.48
CA GLN A 63 13.47 -12.13 5.72
C GLN A 63 13.25 -11.61 4.32
N PHE A 64 14.15 -12.08 3.46
CA PHE A 64 14.20 -11.78 2.04
C PHE A 64 13.68 -13.04 1.35
N ILE A 65 12.54 -12.98 0.65
CA ILE A 65 11.94 -14.12 -0.01
C ILE A 65 11.57 -13.73 -1.43
N SER A 66 11.99 -14.46 -2.45
CA SER A 66 11.62 -14.20 -3.84
C SER A 66 10.15 -14.49 -4.06
N ALA A 67 9.54 -13.68 -4.91
CA ALA A 67 8.17 -13.89 -5.31
C ALA A 67 8.17 -15.10 -6.23
N SER A 68 7.28 -16.04 -6.04
CA SER A 68 7.08 -17.18 -6.91
C SER A 68 6.14 -16.81 -8.04
N LYS A 69 5.07 -16.05 -7.79
CA LYS A 69 4.06 -15.67 -8.78
C LYS A 69 3.55 -14.26 -8.46
N SER A 70 3.25 -13.46 -9.47
CA SER A 70 2.59 -12.18 -9.28
C SER A 70 1.30 -12.17 -10.09
N ILE A 71 0.16 -12.21 -9.42
CA ILE A 71 -1.15 -12.29 -10.05
C ILE A 71 -1.75 -10.90 -10.05
N VAL A 72 -1.68 -10.25 -11.19
CA VAL A 72 -2.29 -8.96 -11.40
C VAL A 72 -3.75 -9.26 -11.67
N HIS A 73 -4.64 -8.38 -11.14
CA HIS A 73 -6.08 -8.55 -11.36
C HIS A 73 -6.32 -8.60 -12.88
N PRO A 74 -6.98 -9.61 -13.48
CA PRO A 74 -7.16 -9.68 -14.94
C PRO A 74 -7.90 -8.47 -15.57
N SER A 75 -8.62 -7.66 -14.78
CA SER A 75 -9.27 -6.46 -15.30
C SER A 75 -8.59 -5.15 -14.87
N TYR A 76 -7.38 -5.23 -14.38
CA TYR A 76 -6.59 -4.03 -14.10
C TYR A 76 -6.54 -3.13 -15.35
N ASN A 77 -6.79 -1.84 -15.21
CA ASN A 77 -6.68 -0.95 -16.34
C ASN A 77 -5.64 0.09 -15.95
N SER A 78 -4.53 0.08 -16.66
CA SER A 78 -3.42 0.97 -16.39
C SER A 78 -3.72 2.43 -16.62
N ASN A 79 -4.76 2.71 -17.39
CA ASN A 79 -5.12 4.09 -17.69
C ASN A 79 -5.97 4.71 -16.61
N THR A 80 -6.97 3.98 -16.19
CA THR A 80 -7.86 4.51 -15.17
C THR A 80 -7.42 4.15 -13.77
N LEU A 81 -6.57 3.12 -13.67
CA LEU A 81 -6.08 2.47 -12.44
C LEU A 81 -7.21 1.75 -11.72
N ASN A 82 -8.25 1.49 -12.49
CA ASN A 82 -9.33 0.67 -11.95
C ASN A 82 -8.82 -0.76 -11.72
N ASN A 83 -9.16 -1.37 -10.58
CA ASN A 83 -8.76 -2.72 -10.19
C ASN A 83 -7.25 -2.86 -9.98
N ASP A 84 -6.75 -1.82 -9.29
CA ASP A 84 -5.34 -1.80 -8.99
C ASP A 84 -4.94 -2.64 -7.77
N ILE A 85 -4.86 -3.94 -8.00
CA ILE A 85 -4.53 -4.90 -6.94
C ILE A 85 -3.84 -6.08 -7.64
N MET A 86 -2.86 -6.58 -6.91
CA MET A 86 -2.02 -7.71 -7.28
C MET A 86 -1.72 -8.53 -6.04
N LEU A 87 -1.80 -9.83 -6.23
CA LEU A 87 -1.41 -10.79 -5.21
C LEU A 87 -0.01 -11.32 -5.54
N ILE A 88 0.88 -11.53 -4.58
CA ILE A 88 2.19 -12.11 -4.82
C ILE A 88 2.31 -13.38 -3.96
N LYS A 89 2.57 -14.51 -4.57
CA LYS A 89 2.85 -15.71 -3.81
C LYS A 89 4.33 -15.76 -3.48
N LEU A 90 4.72 -16.11 -2.27
CA LEU A 90 6.11 -16.24 -1.90
C LEU A 90 6.60 -17.63 -2.26
N LYS A 91 7.88 -17.65 -2.59
CA LYS A 91 8.52 -18.90 -2.99
C LYS A 91 8.52 -19.84 -1.80
N SER A 92 8.57 -19.26 -0.64
CA SER A 92 8.66 -20.00 0.58
C SER A 92 7.85 -19.25 1.62
N ALA A 93 7.22 -19.95 2.58
CA ALA A 93 6.46 -19.30 3.63
C ALA A 93 7.33 -18.45 4.53
N ALA A 94 6.84 -17.30 4.96
CA ALA A 94 7.50 -16.53 5.97
C ALA A 94 7.48 -17.14 7.39
N SER A 95 8.41 -16.73 8.26
CA SER A 95 8.35 -17.13 9.66
C SER A 95 7.59 -16.05 10.41
N LEU A 96 6.40 -16.42 10.83
CA LEU A 96 5.57 -15.47 11.51
C LEU A 96 5.88 -15.54 12.99
N ASN A 97 5.83 -14.35 13.56
CA ASN A 97 6.16 -14.13 14.94
C ASN A 97 5.75 -12.74 15.42
N SER A 98 6.56 -12.02 16.16
CA SER A 98 6.16 -10.72 16.70
C SER A 98 6.49 -9.68 15.65
N ARG A 99 7.75 -9.68 15.24
CA ARG A 99 8.23 -8.70 14.27
C ARG A 99 7.72 -8.83 12.84
N VAL A 100 7.18 -10.01 12.50
CA VAL A 100 6.61 -10.28 11.19
C VAL A 100 5.23 -10.96 11.38
N ALA A 101 4.15 -10.41 10.87
CA ALA A 101 2.80 -10.94 11.14
C ALA A 101 1.85 -10.54 10.03
N SER A 102 0.80 -11.33 9.78
CA SER A 102 -0.15 -10.93 8.74
C SER A 102 -1.21 -9.91 9.17
N ILE A 103 -1.90 -9.30 8.23
CA ILE A 103 -2.99 -8.39 8.53
C ILE A 103 -4.30 -9.04 8.03
N SER A 104 -5.40 -8.85 8.74
CA SER A 104 -6.69 -9.42 8.33
C SER A 104 -7.36 -8.65 7.21
N LEU A 105 -8.03 -9.44 6.38
CA LEU A 105 -8.87 -8.92 5.32
C LEU A 105 -10.17 -8.41 5.93
N PRO A 106 -10.86 -7.40 5.38
CA PRO A 106 -12.06 -6.86 6.00
C PRO A 106 -13.27 -7.71 5.71
N THR A 107 -14.31 -7.70 6.54
CA THR A 107 -15.53 -8.42 6.21
C THR A 107 -16.65 -7.49 5.72
N SER A 108 -16.34 -6.20 5.81
CA SER A 108 -17.23 -5.11 5.52
C SER A 108 -16.36 -3.96 5.10
N CYS A 109 -16.81 -3.07 4.26
CA CYS A 109 -16.10 -1.86 3.92
C CYS A 109 -16.16 -0.88 5.09
N ALA A 110 -15.28 0.10 5.06
CA ALA A 110 -15.22 1.09 6.11
C ALA A 110 -15.98 2.36 5.76
N SER A 111 -16.60 2.91 6.78
CA SER A 111 -17.34 4.17 6.72
C SER A 111 -16.44 5.38 6.62
N ALA A 112 -16.96 6.46 6.05
CA ALA A 112 -16.27 7.76 6.03
C ALA A 112 -16.04 8.19 7.49
N GLY A 113 -14.89 8.82 7.73
CA GLY A 113 -14.49 9.26 9.05
C GLY A 113 -13.71 8.23 9.83
N THR A 114 -13.68 6.94 9.43
CA THR A 114 -12.83 5.94 10.08
C THR A 114 -11.39 6.36 9.90
N GLN A 115 -10.69 6.29 11.01
CA GLN A 115 -9.28 6.58 11.13
C GLN A 115 -8.44 5.35 10.74
N CYS A 116 -7.46 5.56 9.90
CA CYS A 116 -6.64 4.47 9.39
C CYS A 116 -5.16 4.79 9.52
N LEU A 117 -4.32 3.78 9.49
CA LEU A 117 -2.86 3.90 9.52
C LEU A 117 -2.36 3.51 8.14
N ILE A 118 -1.62 4.46 7.60
CA ILE A 118 -0.96 4.33 6.28
C ILE A 118 0.55 4.37 6.57
N SER A 119 1.33 3.42 6.03
CA SER A 119 2.77 3.37 6.30
C SER A 119 3.58 3.11 5.04
N GLY A 120 4.87 3.47 5.02
CA GLY A 120 5.66 3.26 3.81
C GLY A 120 7.00 4.02 3.87
N TRP A 121 7.88 3.61 2.95
CA TRP A 121 9.21 4.17 2.76
C TRP A 121 9.21 5.15 1.58
N GLY A 122 8.06 5.71 1.22
CA GLY A 122 8.01 6.67 0.12
C GLY A 122 8.53 8.03 0.50
N ASN A 123 8.61 8.83 -0.54
CA ASN A 123 9.02 10.22 -0.47
C ASN A 123 8.33 10.96 0.71
N THR A 124 9.08 11.73 1.50
CA THR A 124 8.51 12.52 2.61
C THR A 124 8.36 14.04 2.27
N LYS A 125 8.63 14.43 1.03
CA LYS A 125 8.54 15.83 0.63
C LYS A 125 7.50 15.98 -0.44
N SER A 126 6.68 17.04 -0.34
CA SER A 126 5.66 17.38 -1.34
C SER A 126 6.33 18.04 -2.53
N SER A 127 7.28 18.94 -2.29
CA SER A 127 8.04 19.55 -3.38
C SER A 127 9.48 19.15 -3.10
N GLY A 128 9.86 18.06 -3.76
CA GLY A 128 11.21 17.58 -3.62
C GLY A 128 11.22 16.07 -3.62
N THR A 129 12.33 15.53 -3.13
CA THR A 129 12.51 14.09 -3.09
C THR A 129 13.36 13.77 -1.87
N SER A 130 12.85 13.17 -0.82
CA SER A 130 13.69 12.79 0.29
C SER A 130 13.13 11.45 0.72
N TYR A 131 13.88 10.40 0.51
CA TYR A 131 13.44 9.07 0.85
C TYR A 131 14.01 8.68 2.20
N PRO A 132 13.18 8.18 3.14
CA PRO A 132 13.65 7.73 4.44
C PRO A 132 14.34 6.39 4.35
N ASP A 133 15.07 6.18 5.38
CA ASP A 133 15.70 4.90 5.66
C ASP A 133 14.70 3.97 6.35
N VAL A 134 14.07 4.53 7.39
CA VAL A 134 13.14 3.81 8.26
C VAL A 134 11.67 4.01 7.94
N LEU A 135 10.81 3.12 8.43
CA LEU A 135 9.39 3.17 8.03
C LEU A 135 8.64 4.38 8.62
N LYS A 136 7.79 4.98 7.81
CA LYS A 136 7.06 6.17 8.23
C LYS A 136 5.58 5.80 8.27
N CYS A 137 4.87 6.34 9.26
CA CYS A 137 3.47 6.07 9.55
C CYS A 137 2.68 7.36 9.44
N LEU A 138 1.37 7.27 9.27
CA LEU A 138 0.48 8.43 9.20
C LEU A 138 -0.95 7.93 9.45
N LYS A 139 -1.63 8.65 10.35
CA LYS A 139 -3.04 8.42 10.63
C LYS A 139 -3.94 9.22 9.69
N ALA A 140 -4.89 8.62 8.98
CA ALA A 140 -5.72 9.46 8.13
C ALA A 140 -7.13 8.91 8.04
N PRO A 141 -8.11 9.81 7.97
CA PRO A 141 -9.51 9.42 7.79
C PRO A 141 -9.84 9.04 6.35
N ILE A 142 -10.77 8.09 6.25
CA ILE A 142 -11.39 7.83 4.96
C ILE A 142 -12.35 9.03 4.75
N LEU A 143 -12.33 9.67 3.60
CA LEU A 143 -13.19 10.79 3.28
C LEU A 143 -14.45 10.27 2.60
N SER A 144 -15.47 11.13 2.50
CA SER A 144 -16.74 10.76 1.91
C SER A 144 -16.52 10.62 0.41
N ASP A 145 -17.47 9.90 -0.12
CA ASP A 145 -17.57 9.68 -1.52
C ASP A 145 -17.76 10.93 -2.30
N SER A 146 -18.58 11.82 -1.77
CA SER A 146 -18.87 13.03 -2.50
C SER A 146 -17.66 13.93 -2.51
N SER A 147 -16.90 14.01 -1.42
CA SER A 147 -15.69 14.83 -1.41
C SER A 147 -14.67 14.16 -2.34
N CYS A 148 -14.62 12.84 -2.39
CA CYS A 148 -13.62 12.20 -3.23
C CYS A 148 -13.93 12.48 -4.71
N LYS A 149 -15.19 12.32 -5.12
CA LYS A 149 -15.62 12.60 -6.49
C LYS A 149 -15.55 14.08 -6.86
N SER A 150 -15.77 14.96 -5.88
CA SER A 150 -15.55 16.38 -6.13
C SER A 150 -14.08 16.71 -6.34
N ALA A 151 -13.17 16.02 -5.63
CA ALA A 151 -11.74 16.28 -5.79
C ALA A 151 -11.24 15.73 -7.14
N TYR A 152 -11.81 14.64 -7.65
CA TYR A 152 -11.32 13.96 -8.85
C TYR A 152 -12.46 13.61 -9.81
N PRO A 153 -13.12 14.63 -10.40
CA PRO A 153 -14.33 14.45 -11.23
C PRO A 153 -14.10 13.45 -12.37
N GLY A 154 -14.98 12.47 -12.49
CA GLY A 154 -14.84 11.50 -13.59
C GLY A 154 -13.82 10.39 -13.34
N GLN A 155 -13.01 10.53 -12.30
CA GLN A 155 -11.92 9.60 -12.08
C GLN A 155 -12.10 8.56 -11.00
N ILE A 156 -13.06 8.67 -10.09
CA ILE A 156 -13.20 7.73 -8.96
C ILE A 156 -14.19 6.61 -9.32
N THR A 157 -13.74 5.38 -9.35
CA THR A 157 -14.63 4.26 -9.63
C THR A 157 -15.16 3.66 -8.31
N SER A 158 -16.03 2.67 -8.33
CA SER A 158 -16.55 2.05 -7.11
C SER A 158 -15.46 1.37 -6.24
N ASN A 159 -14.34 1.09 -6.91
CA ASN A 159 -13.23 0.35 -6.37
C ASN A 159 -12.19 1.28 -5.81
N MET A 160 -12.57 2.52 -5.60
CA MET A 160 -11.60 3.47 -5.06
C MET A 160 -12.15 4.25 -3.88
N PHE A 161 -11.31 4.77 -3.00
CA PHE A 161 -11.77 5.76 -2.04
C PHE A 161 -10.60 6.71 -1.83
N CYS A 162 -10.89 7.87 -1.24
CA CYS A 162 -9.91 8.88 -0.89
C CYS A 162 -9.74 8.86 0.62
N ALA A 163 -8.49 9.02 1.05
CA ALA A 163 -8.17 9.15 2.44
C ALA A 163 -7.12 10.24 2.56
N GLY A 164 -7.14 10.98 3.67
CA GLY A 164 -6.12 12.00 3.86
C GLY A 164 -6.77 13.28 4.33
N TYR A 165 -6.21 14.41 3.91
CA TYR A 165 -6.55 15.74 4.39
C TYR A 165 -6.65 16.69 3.21
N LEU A 166 -7.78 17.40 3.18
CA LEU A 166 -8.00 18.36 2.08
C LEU A 166 -7.22 19.64 2.30
N GLU A 167 -6.76 19.86 3.52
CA GLU A 167 -5.90 21.02 3.83
C GLU A 167 -4.52 20.83 3.20
N GLY A 168 -4.15 19.57 2.89
CA GLY A 168 -2.86 19.25 2.36
C GLY A 168 -1.84 19.05 3.48
N GLY A 169 -0.59 18.71 3.15
CA GLY A 169 0.49 18.58 4.13
C GLY A 169 0.70 17.20 4.70
N LYS A 170 -0.23 16.26 4.58
CA LYS A 170 -0.01 14.91 5.07
C LYS A 170 -0.58 13.99 4.02
N ASP A 171 0.18 13.06 3.45
CA ASP A 171 -0.32 12.11 2.42
C ASP A 171 0.65 10.95 2.18
N SER A 172 0.25 9.92 1.42
CA SER A 172 1.19 8.95 0.92
C SER A 172 1.81 9.59 -0.34
N CYS A 173 3.02 9.18 -0.72
CA CYS A 173 3.73 9.74 -1.86
C CYS A 173 4.53 8.65 -2.64
N GLN A 174 5.36 8.99 -3.63
CA GLN A 174 6.02 7.98 -4.45
C GLN A 174 6.90 7.05 -3.64
N GLY A 175 6.79 5.76 -3.85
CA GLY A 175 7.49 4.83 -3.02
C GLY A 175 6.56 4.09 -2.05
N ASP A 176 5.44 4.74 -1.69
CA ASP A 176 4.44 4.15 -0.81
C ASP A 176 3.45 3.23 -1.53
N SER A 177 3.40 3.24 -2.88
CA SER A 177 2.47 2.38 -3.61
C SER A 177 2.46 0.92 -3.25
N GLY A 178 1.25 0.43 -3.16
CA GLY A 178 1.04 -0.96 -2.91
C GLY A 178 0.99 -1.27 -1.45
N GLY A 179 1.32 -0.30 -0.60
CA GLY A 179 1.30 -0.50 0.83
C GLY A 179 -0.09 -0.43 1.45
N PRO A 180 -0.17 -0.73 2.75
CA PRO A 180 -1.41 -0.83 3.53
C PRO A 180 -2.08 0.47 4.04
N VAL A 181 -3.42 0.42 4.01
CA VAL A 181 -4.27 1.34 4.73
C VAL A 181 -5.05 0.36 5.59
N VAL A 182 -4.72 0.43 6.86
CA VAL A 182 -5.31 -0.44 7.85
C VAL A 182 -6.25 0.37 8.73
N CYS A 183 -7.46 -0.14 8.94
CA CYS A 183 -8.46 0.51 9.77
C CYS A 183 -9.08 -0.57 10.67
N SER A 184 -9.04 -0.29 11.99
CA SER A 184 -9.55 -1.20 13.01
C SER A 184 -8.94 -2.61 12.90
N GLY A 185 -7.65 -2.70 12.57
CA GLY A 185 -6.97 -4.01 12.42
C GLY A 185 -7.34 -4.76 11.14
N LYS A 186 -7.99 -4.12 10.18
CA LYS A 186 -8.32 -4.78 8.93
C LYS A 186 -7.72 -4.01 7.76
N LEU A 187 -7.22 -4.69 6.70
CA LEU A 187 -6.66 -4.01 5.50
C LEU A 187 -7.79 -3.50 4.62
N GLN A 188 -8.01 -2.20 4.60
CA GLN A 188 -9.10 -1.63 3.83
C GLN A 188 -8.71 -1.05 2.49
N GLY A 189 -7.44 -0.67 2.41
CA GLY A 189 -6.99 -0.03 1.20
C GLY A 189 -5.57 -0.36 0.83
N ILE A 190 -5.27 -0.04 -0.42
CA ILE A 190 -3.93 -0.22 -0.96
C ILE A 190 -3.55 1.12 -1.56
N VAL A 191 -2.35 1.61 -1.26
CA VAL A 191 -1.91 2.89 -1.82
C VAL A 191 -1.82 2.74 -3.35
N SER A 192 -2.48 3.66 -4.03
CA SER A 192 -2.56 3.58 -5.45
C SER A 192 -2.15 4.88 -6.15
N TRP A 193 -2.90 5.99 -6.10
CA TRP A 193 -2.53 7.19 -6.85
C TRP A 193 -2.99 8.54 -6.29
N GLY A 194 -2.81 9.62 -7.01
CA GLY A 194 -3.21 10.94 -6.60
C GLY A 194 -2.57 11.98 -7.48
N SER A 195 -3.02 13.24 -7.39
CA SER A 195 -2.34 14.33 -8.10
C SER A 195 -1.29 14.91 -7.15
N GLY A 196 -0.08 14.45 -7.37
CA GLY A 196 1.00 14.85 -6.50
C GLY A 196 0.86 14.18 -5.13
N CYS A 197 1.34 14.85 -4.12
CA CYS A 197 1.38 14.33 -2.77
C CYS A 197 1.16 15.53 -1.91
N ALA A 198 0.26 15.33 -0.94
CA ALA A 198 -0.07 16.31 0.08
C ALA A 198 -0.53 17.68 -0.45
N GLN A 199 -1.09 17.75 -1.65
CA GLN A 199 -1.63 18.98 -2.21
C GLN A 199 -3.05 19.28 -1.67
N LYS A 200 -3.35 20.56 -1.52
CA LYS A 200 -4.63 21.05 -1.07
C LYS A 200 -5.70 20.50 -1.99
N ASN A 201 -6.73 19.91 -1.41
CA ASN A 201 -7.89 19.39 -2.11
C ASN A 201 -7.56 18.27 -3.09
N LYS A 202 -6.42 17.59 -2.95
CA LYS A 202 -6.12 16.47 -3.81
C LYS A 202 -5.65 15.39 -2.85
N PRO A 203 -6.58 14.75 -2.12
CA PRO A 203 -6.23 13.63 -1.24
C PRO A 203 -5.76 12.38 -2.01
N GLY A 204 -5.08 11.46 -1.31
CA GLY A 204 -4.68 10.23 -1.94
C GLY A 204 -5.85 9.34 -2.24
N VAL A 205 -5.77 8.59 -3.32
CA VAL A 205 -6.77 7.62 -3.75
C VAL A 205 -6.11 6.25 -3.58
N TYR A 206 -7.01 5.38 -3.15
CA TYR A 206 -6.70 4.05 -2.65
C TYR A 206 -7.61 2.95 -3.17
N THR A 207 -7.05 1.78 -3.46
CA THR A 207 -7.86 0.65 -3.91
C THR A 207 -8.69 0.12 -2.74
N LYS A 208 -9.98 -0.06 -3.00
CA LYS A 208 -10.93 -0.44 -1.96
C LYS A 208 -10.97 -1.97 -1.83
N VAL A 209 -10.13 -2.46 -0.94
CA VAL A 209 -9.94 -3.89 -0.72
C VAL A 209 -11.20 -4.69 -0.36
N CYS A 210 -12.15 -4.16 0.42
CA CYS A 210 -13.41 -4.90 0.70
C CYS A 210 -14.15 -5.33 -0.58
N ASN A 211 -13.96 -4.67 -1.73
CA ASN A 211 -14.59 -5.13 -2.97
C ASN A 211 -13.89 -6.31 -3.59
N TYR A 212 -12.75 -6.70 -3.04
CA TYR A 212 -11.95 -7.76 -3.61
C TYR A 212 -11.81 -8.98 -2.73
N VAL A 213 -12.46 -9.03 -1.58
CA VAL A 213 -12.20 -10.15 -0.68
C VAL A 213 -12.53 -11.53 -1.28
N SER A 214 -13.61 -11.73 -2.02
CA SER A 214 -13.92 -12.99 -2.70
C SER A 214 -12.87 -13.31 -3.78
N TRP A 215 -12.47 -12.31 -4.57
CA TRP A 215 -11.46 -12.50 -5.59
C TRP A 215 -10.19 -13.03 -4.94
N ILE A 216 -9.71 -12.35 -3.88
CA ILE A 216 -8.46 -12.73 -3.22
C ILE A 216 -8.60 -14.17 -2.70
N LYS A 217 -9.70 -14.49 -2.02
CA LYS A 217 -9.82 -15.81 -1.44
C LYS A 217 -9.82 -16.91 -2.49
N GLN A 218 -10.58 -16.71 -3.57
CA GLN A 218 -10.71 -17.71 -4.62
C GLN A 218 -9.41 -17.89 -5.38
N THR A 219 -8.67 -16.80 -5.59
CA THR A 219 -7.43 -16.89 -6.32
C THR A 219 -6.43 -17.65 -5.49
N ILE A 220 -6.25 -17.23 -4.24
CA ILE A 220 -5.31 -17.89 -3.32
C ILE A 220 -5.64 -19.37 -3.23
N ALA A 221 -6.94 -19.69 -3.18
CA ALA A 221 -7.42 -21.08 -3.11
C ALA A 221 -7.02 -21.96 -4.30
N SER A 222 -6.91 -21.28 -5.44
CA SER A 222 -6.57 -21.91 -6.70
C SER A 222 -5.07 -22.05 -6.99
N ASN A 223 -4.19 -21.29 -6.32
CA ASN A 223 -2.76 -21.29 -6.58
C ASN A 223 -1.87 -21.75 -5.40
N CYS B 9 -0.38 10.66 -10.79
CA CYS B 9 0.70 9.69 -10.85
C CYS B 9 0.37 8.65 -9.80
N THR B 10 0.82 7.45 -10.17
CA THR B 10 0.82 6.34 -9.24
C THR B 10 1.92 6.70 -8.22
N LYS B 11 1.94 6.08 -7.04
CA LYS B 11 2.96 6.39 -6.04
C LYS B 11 4.08 5.33 -5.99
N SER B 12 4.46 4.82 -7.16
CA SER B 12 5.53 3.81 -7.30
C SER B 12 6.78 4.61 -7.57
N ILE B 13 7.93 3.99 -7.36
CA ILE B 13 9.22 4.56 -7.71
C ILE B 13 9.62 3.76 -8.97
N PRO B 14 9.70 4.30 -10.20
CA PRO B 14 9.33 5.69 -10.56
C PRO B 14 7.80 5.78 -10.71
N PRO B 15 7.17 6.95 -10.64
CA PRO B 15 5.74 7.10 -10.87
C PRO B 15 5.38 6.92 -12.33
N GLU B 16 4.15 6.50 -12.46
CA GLU B 16 3.55 6.32 -13.76
C GLU B 16 2.49 7.40 -13.83
N CYS B 17 2.75 8.42 -14.60
CA CYS B 17 1.76 9.51 -14.82
C CYS B 17 1.14 9.37 -16.23
#